data_7A0H
#
_entry.id   7A0H
#
_cell.length_a   164.490
_cell.length_b   35.168
_cell.length_c   115.438
_cell.angle_alpha   90.000
_cell.angle_beta   104.437
_cell.angle_gamma   90.000
#
_symmetry.space_group_name_H-M   'C 1 2 1'
#
loop_
_entity.id
_entity.type
_entity.pdbx_description
1 polymer 'F-actin-capping protein subunit alpha'
2 non-polymer 'BROMIDE ION'
3 non-polymer GLYCEROL
4 non-polymer '4-(2-HYDROXYETHYL)-1-PIPERAZINE ETHANESULFONIC ACID'
5 water water
#
_entity_poly.entity_id   1
_entity_poly.type   'polypeptide(L)'
_entity_poly.pdbx_seq_one_letter_code
;MDSLLNEKKKFIRHVLSNAPPGKVFDLISNLKTIFGSNAIIQNFIEDIISKYNEDNYILIPFESDEYIIICKESKSGNLY
LHPNLKILANVNHLKRKVIDTTPLTKLDHPDILEKYRVACNNKLKEYVDIYYKKWSDHQTGNYPTVNIGSKHGLNVKCAS
SVYASECENKYNLFLLICCDRYYLKNFHASSWRSSWNVNFLEADQEIILTGTIDVVLTYFEDANINFKTRKVFEKRVSVT
NDIENFASSILSVIRECENDVLYDLNHLIANTSSDLIKNTRKIIPLNAHHHHHH
;
_entity_poly.pdbx_strand_id   A,B
#
loop_
_chem_comp.id
_chem_comp.type
_chem_comp.name
_chem_comp.formula
BR non-polymer 'BROMIDE ION' 'Br -1'
EPE non-polymer '4-(2-HYDROXYETHYL)-1-PIPERAZINE ETHANESULFONIC ACID' 'C8 H18 N2 O4 S'
GOL non-polymer GLYCEROL 'C3 H8 O3'
#
# COMPACT_ATOMS: atom_id res chain seq x y z
N ASP A 2 20.08 -22.89 -8.40
CA ASP A 2 21.42 -22.32 -8.50
C ASP A 2 21.44 -20.88 -7.91
N SER A 3 22.43 -20.08 -8.30
CA SER A 3 22.49 -18.68 -7.85
C SER A 3 21.28 -17.93 -8.34
N LEU A 4 20.91 -18.13 -9.61
CA LEU A 4 19.70 -17.53 -10.16
C LEU A 4 18.45 -18.06 -9.49
N LEU A 5 18.36 -19.38 -9.27
CA LEU A 5 17.17 -19.90 -8.61
C LEU A 5 16.90 -19.17 -7.31
N ASN A 6 17.94 -18.86 -6.56
CA ASN A 6 17.73 -18.13 -5.33
C ASN A 6 17.39 -16.67 -5.60
N GLU A 7 17.96 -16.09 -6.65
CA GLU A 7 17.60 -14.70 -6.95
C GLU A 7 16.19 -14.61 -7.53
N LYS A 8 15.75 -15.63 -8.29
CA LYS A 8 14.37 -15.64 -8.78
C LYS A 8 13.38 -15.75 -7.62
N LYS A 9 13.80 -16.41 -6.54
CA LYS A 9 12.98 -16.61 -5.36
C LYS A 9 12.91 -15.31 -4.58
N LYS A 10 14.08 -14.66 -4.45
CA LYS A 10 14.12 -13.40 -3.75
C LYS A 10 13.20 -12.40 -4.42
N PHE A 11 13.10 -12.48 -5.74
CA PHE A 11 12.26 -11.54 -6.47
C PHE A 11 10.79 -11.91 -6.35
N ILE A 12 10.46 -13.21 -6.46
CA ILE A 12 9.08 -13.65 -6.33
C ILE A 12 8.55 -13.35 -4.95
N ARG A 13 9.39 -13.53 -3.94
CA ARG A 13 9.04 -13.18 -2.57
C ARG A 13 8.83 -11.68 -2.43
N HIS A 14 9.74 -10.88 -2.96
CA HIS A 14 9.59 -9.44 -2.80
C HIS A 14 8.33 -8.92 -3.46
N VAL A 15 7.97 -9.44 -4.63
CA VAL A 15 6.79 -8.93 -5.30
C VAL A 15 5.51 -9.37 -4.61
N LEU A 16 5.47 -10.61 -4.14
CA LEU A 16 4.25 -11.05 -3.46
C LEU A 16 4.16 -10.48 -2.06
N SER A 17 5.31 -10.17 -1.45
CA SER A 17 5.34 -9.50 -0.16
C SER A 17 4.68 -8.13 -0.26
N ASN A 18 5.05 -7.39 -1.29
CA ASN A 18 4.69 -5.97 -1.36
C ASN A 18 3.37 -5.73 -2.08
N ALA A 19 2.84 -6.74 -2.74
CA ALA A 19 1.61 -6.58 -3.50
C ALA A 19 0.38 -6.51 -2.59
N PRO A 20 -0.57 -5.62 -2.87
CA PRO A 20 -1.85 -5.61 -2.10
C PRO A 20 -2.69 -6.84 -2.42
N PRO A 21 -3.59 -7.26 -1.52
CA PRO A 21 -4.24 -8.54 -1.72
C PRO A 21 -4.86 -8.66 -3.09
N GLY A 22 -5.50 -7.59 -3.55
CA GLY A 22 -6.25 -7.64 -4.78
C GLY A 22 -5.42 -7.86 -6.05
N LYS A 23 -4.11 -7.70 -6.01
CA LYS A 23 -3.25 -7.89 -7.16
C LYS A 23 -2.48 -9.21 -7.11
N VAL A 24 -2.60 -9.96 -6.02
CA VAL A 24 -1.74 -11.12 -5.83
C VAL A 24 -2.01 -12.17 -6.90
N PHE A 25 -3.28 -12.51 -7.12
CA PHE A 25 -3.66 -13.50 -8.10
C PHE A 25 -3.13 -13.12 -9.48
N ASP A 26 -3.42 -11.90 -9.94
CA ASP A 26 -2.90 -11.47 -11.24
C ASP A 26 -1.39 -11.58 -11.21
N LEU A 27 -0.78 -11.18 -10.09
CA LEU A 27 0.69 -11.20 -10.04
C LEU A 27 1.23 -12.64 -10.19
N ILE A 28 0.61 -13.60 -9.51
CA ILE A 28 1.03 -15.00 -9.62
C ILE A 28 0.95 -15.47 -11.05
N SER A 29 -0.22 -15.28 -11.69
CA SER A 29 -0.43 -15.64 -13.09
C SER A 29 0.69 -15.13 -13.99
N ASN A 30 1.14 -13.90 -13.77
CA ASN A 30 2.20 -13.36 -14.62
C ASN A 30 3.52 -14.07 -14.31
N LEU A 31 3.70 -14.49 -13.07
CA LEU A 31 4.93 -15.18 -12.68
C LEU A 31 4.99 -16.58 -13.30
N LYS A 32 3.84 -17.25 -13.41
CA LYS A 32 3.79 -18.57 -14.04
C LYS A 32 4.12 -18.48 -15.53
N THR A 33 3.53 -17.52 -16.25
CA THR A 33 3.83 -17.42 -17.66
C THR A 33 5.34 -17.28 -17.90
N ILE A 34 6.01 -16.52 -17.05
CA ILE A 34 7.45 -16.33 -17.17
C ILE A 34 8.19 -17.56 -16.66
N PHE A 35 7.86 -18.03 -15.46
CA PHE A 35 8.64 -19.09 -14.86
C PHE A 35 7.88 -20.40 -14.73
N GLY A 36 6.82 -20.63 -15.53
CA GLY A 36 5.87 -21.73 -15.32
C GLY A 36 6.38 -23.14 -15.60
N SER A 37 7.43 -23.31 -16.38
CA SER A 37 7.92 -24.66 -16.65
C SER A 37 8.69 -25.23 -15.46
N ASN A 38 9.00 -24.41 -14.48
CA ASN A 38 9.90 -24.79 -13.40
C ASN A 38 9.10 -25.24 -12.19
N ALA A 39 9.05 -26.55 -11.98
CA ALA A 39 8.23 -27.10 -10.92
C ALA A 39 8.71 -26.69 -9.53
N ILE A 40 9.98 -26.31 -9.40
CA ILE A 40 10.49 -25.86 -8.10
C ILE A 40 9.86 -24.54 -7.73
N ILE A 41 9.72 -23.66 -8.70
CA ILE A 41 9.17 -22.35 -8.38
C ILE A 41 7.65 -22.37 -8.42
N GLN A 42 7.04 -23.36 -9.06
CA GLN A 42 5.61 -23.54 -8.89
C GLN A 42 5.32 -23.92 -7.46
N ASN A 43 6.15 -24.77 -6.88
CA ASN A 43 5.99 -25.23 -5.51
C ASN A 43 6.43 -24.21 -4.48
N PHE A 44 7.52 -23.49 -4.75
CA PHE A 44 7.90 -22.32 -3.97
C PHE A 44 6.76 -21.34 -3.90
N ILE A 45 6.12 -21.10 -5.03
CA ILE A 45 5.02 -20.15 -5.04
C ILE A 45 3.88 -20.73 -4.22
N GLU A 46 3.58 -22.02 -4.41
CA GLU A 46 2.50 -22.63 -3.64
C GLU A 46 2.77 -22.53 -2.13
N ASP A 47 4.00 -22.75 -1.69
CA ASP A 47 4.32 -22.61 -0.27
C ASP A 47 4.09 -21.20 0.22
N ILE A 48 4.62 -20.23 -0.49
CA ILE A 48 4.46 -18.84 -0.08
C ILE A 48 2.99 -18.47 0.00
N ILE A 49 2.18 -18.96 -0.92
CA ILE A 49 0.79 -18.56 -0.88
C ILE A 49 0.06 -19.28 0.26
N SER A 50 0.37 -20.54 0.52
CA SER A 50 -0.32 -21.20 1.61
C SER A 50 -0.07 -20.49 2.92
N LYS A 51 1.15 -20.02 3.15
CA LYS A 51 1.45 -19.33 4.39
C LYS A 51 0.74 -17.99 4.42
N TYR A 52 0.84 -17.25 3.34
CA TYR A 52 0.03 -16.06 3.17
C TYR A 52 -1.44 -16.31 3.53
N ASN A 53 -2.02 -17.39 3.00
CA ASN A 53 -3.42 -17.70 3.27
C ASN A 53 -3.61 -17.95 4.76
N GLU A 54 -2.69 -18.64 5.36
CA GLU A 54 -2.84 -18.93 6.77
C GLU A 54 -2.75 -17.65 7.56
N ASP A 55 -1.82 -16.76 7.18
CA ASP A 55 -1.63 -15.49 7.88
C ASP A 55 -2.86 -14.61 7.80
N ASN A 56 -3.78 -14.85 6.88
CA ASN A 56 -4.87 -13.92 6.69
C ASN A 56 -6.22 -14.57 6.90
N TYR A 57 -6.25 -15.77 7.51
CA TYR A 57 -7.54 -16.33 7.87
C TYR A 57 -8.45 -16.25 6.67
N ILE A 58 -7.93 -16.72 5.54
CA ILE A 58 -8.64 -16.78 4.27
C ILE A 58 -9.76 -17.80 4.39
N LEU A 59 -10.87 -17.47 3.76
CA LEU A 59 -12.00 -18.37 3.62
C LEU A 59 -12.04 -19.10 2.29
N ILE A 60 -12.22 -20.41 2.36
CA ILE A 60 -12.41 -21.24 1.17
C ILE A 60 -13.80 -21.86 1.26
N PRO A 61 -14.63 -21.63 0.28
CA PRO A 61 -15.99 -22.20 0.32
C PRO A 61 -15.98 -23.70 0.20
N PHE A 62 -16.89 -24.31 0.94
CA PHE A 62 -16.96 -25.76 1.06
C PHE A 62 -18.41 -26.16 0.89
N GLU A 63 -18.67 -27.05 -0.06
CA GLU A 63 -20.05 -27.47 -0.32
C GLU A 63 -20.90 -26.21 -0.52
N SER A 64 -22.19 -26.33 -0.25
CA SER A 64 -23.09 -25.19 -0.26
C SER A 64 -23.07 -24.55 1.12
N ASP A 65 -22.77 -23.26 1.17
CA ASP A 65 -22.93 -22.41 2.35
C ASP A 65 -21.92 -22.65 3.46
N GLU A 66 -20.89 -23.48 3.26
CA GLU A 66 -19.88 -23.69 4.28
C GLU A 66 -18.57 -23.02 3.87
N TYR A 67 -17.66 -22.99 4.84
CA TYR A 67 -16.35 -22.41 4.63
C TYR A 67 -15.36 -23.22 5.45
N ILE A 68 -14.20 -23.41 4.87
CA ILE A 68 -13.01 -23.85 5.57
C ILE A 68 -12.25 -22.58 5.82
N ILE A 69 -11.67 -22.45 7.01
CA ILE A 69 -10.89 -21.26 7.30
C ILE A 69 -9.43 -21.66 7.41
N ILE A 70 -8.58 -20.99 6.65
CA ILE A 70 -7.19 -21.35 6.57
C ILE A 70 -6.42 -20.52 7.54
N CYS A 71 -5.72 -21.17 8.48
CA CYS A 71 -4.87 -20.42 9.41
C CYS A 71 -4.10 -21.45 10.20
N LYS A 72 -3.15 -20.98 11.04
CA LYS A 72 -2.38 -21.92 11.86
C LYS A 72 -3.30 -22.85 12.62
N GLU A 73 -4.28 -22.26 13.32
CA GLU A 73 -5.11 -22.97 14.30
C GLU A 73 -5.94 -24.06 13.63
N SER A 74 -6.30 -23.92 12.36
CA SER A 74 -7.03 -25.00 11.73
C SER A 74 -6.11 -26.07 11.16
N LYS A 75 -4.78 -25.81 11.08
CA LYS A 75 -3.89 -26.70 10.36
C LYS A 75 -3.92 -28.06 10.99
N SER A 76 -4.05 -29.07 10.17
CA SER A 76 -3.94 -30.42 10.66
C SER A 76 -3.17 -31.22 9.62
N GLY A 77 -1.95 -31.58 9.98
CA GLY A 77 -1.02 -32.15 9.00
C GLY A 77 -0.81 -31.18 7.87
N ASN A 78 -1.23 -31.57 6.69
CA ASN A 78 -1.23 -30.68 5.54
C ASN A 78 -2.66 -30.31 5.17
N LEU A 79 -3.61 -30.70 6.02
CA LEU A 79 -5.05 -30.47 5.89
C LEU A 79 -5.50 -29.37 6.87
N TYR A 80 -6.80 -29.06 6.83
CA TYR A 80 -7.41 -27.97 7.58
C TYR A 80 -8.68 -28.51 8.22
N LEU A 81 -8.87 -28.24 9.52
CA LEU A 81 -10.00 -28.82 10.24
C LEU A 81 -11.22 -27.94 10.04
N HIS A 82 -12.31 -28.56 9.76
CA HIS A 82 -13.57 -27.90 10.04
C HIS A 82 -14.15 -28.50 11.36
N PRO A 83 -14.08 -27.81 12.49
CA PRO A 83 -14.39 -28.47 13.78
C PRO A 83 -15.86 -28.85 13.97
N ASN A 84 -16.79 -28.15 13.36
CA ASN A 84 -18.14 -28.62 13.50
C ASN A 84 -18.47 -29.81 12.63
N LEU A 85 -18.02 -29.83 11.36
CA LEU A 85 -18.31 -31.00 10.54
C LEU A 85 -17.41 -32.19 10.84
N LYS A 86 -16.28 -31.99 11.53
CA LYS A 86 -15.39 -33.10 11.82
C LYS A 86 -14.84 -33.68 10.52
N ILE A 87 -14.12 -32.84 9.82
CA ILE A 87 -13.66 -33.07 8.45
C ILE A 87 -12.31 -32.38 8.36
N LEU A 88 -11.32 -33.07 7.79
CA LEU A 88 -10.08 -32.47 7.38
C LEU A 88 -10.20 -32.25 5.89
N ALA A 89 -9.95 -31.02 5.47
CA ALA A 89 -10.13 -30.61 4.08
C ALA A 89 -8.76 -30.39 3.51
N ASN A 90 -8.54 -30.98 2.35
CA ASN A 90 -7.33 -30.75 1.59
C ASN A 90 -7.58 -29.58 0.66
N VAL A 91 -6.72 -28.57 0.68
CA VAL A 91 -7.06 -27.37 -0.07
C VAL A 91 -6.08 -27.08 -1.18
N ASN A 92 -6.55 -26.41 -2.24
CA ASN A 92 -5.63 -25.80 -3.20
C ASN A 92 -5.56 -24.31 -2.90
N HIS A 93 -4.37 -23.87 -2.52
CA HIS A 93 -4.17 -22.51 -2.08
C HIS A 93 -4.17 -21.52 -3.23
N LEU A 94 -3.61 -21.87 -4.38
CA LEU A 94 -3.69 -20.96 -5.50
C LEU A 94 -5.12 -20.84 -6.00
N LYS A 95 -5.80 -21.98 -6.10
CA LYS A 95 -7.17 -21.93 -6.56
C LYS A 95 -8.15 -21.50 -5.46
N ARG A 96 -7.77 -21.65 -4.19
CA ARG A 96 -8.69 -21.39 -3.08
C ARG A 96 -9.95 -22.24 -3.21
N LYS A 97 -9.73 -23.55 -3.28
CA LYS A 97 -10.83 -24.48 -3.35
C LYS A 97 -10.47 -25.72 -2.58
N VAL A 98 -11.52 -26.45 -2.20
CA VAL A 98 -11.38 -27.73 -1.55
C VAL A 98 -11.21 -28.81 -2.62
N ILE A 99 -10.19 -29.64 -2.47
CA ILE A 99 -9.92 -30.70 -3.45
C ILE A 99 -10.08 -32.08 -2.87
N ASP A 100 -10.27 -32.24 -1.56
CA ASP A 100 -10.54 -33.56 -1.00
C ASP A 100 -10.96 -33.33 0.46
N THR A 101 -11.68 -34.29 1.02
CA THR A 101 -12.04 -34.19 2.41
C THR A 101 -11.91 -35.56 3.03
N THR A 102 -11.43 -35.57 4.26
CA THR A 102 -11.24 -36.81 5.02
C THR A 102 -12.02 -36.64 6.31
N PRO A 103 -13.11 -37.38 6.47
CA PRO A 103 -13.96 -37.25 7.65
C PRO A 103 -13.36 -37.85 8.91
N LEU A 104 -13.58 -37.22 10.02
CA LEU A 104 -13.19 -37.86 11.27
C LEU A 104 -14.31 -38.74 11.74
N THR A 105 -13.94 -39.81 12.41
CA THR A 105 -14.94 -40.72 12.96
C THR A 105 -15.60 -39.99 14.13
N LYS A 106 -16.93 -40.05 14.19
CA LYS A 106 -17.66 -39.33 15.21
C LYS A 106 -17.66 -40.11 16.53
N LEU A 107 -17.68 -39.38 17.64
CA LEU A 107 -17.72 -39.98 18.96
C LEU A 107 -19.15 -39.98 19.49
N ASP A 108 -19.58 -41.12 20.02
CA ASP A 108 -20.90 -41.19 20.61
C ASP A 108 -21.01 -40.16 21.74
N HIS A 109 -19.97 -40.10 22.59
CA HIS A 109 -19.90 -39.15 23.66
C HIS A 109 -18.68 -38.24 23.48
N PRO A 110 -18.87 -36.95 23.28
CA PRO A 110 -17.71 -36.04 23.33
C PRO A 110 -17.17 -35.86 24.75
N ASP A 111 -15.84 -35.81 24.85
CA ASP A 111 -15.18 -35.51 26.10
C ASP A 111 -15.45 -34.03 26.49
N ILE A 112 -14.86 -33.60 27.60
CA ILE A 112 -15.28 -32.34 28.19
C ILE A 112 -14.78 -31.14 27.35
N LEU A 113 -13.55 -31.20 26.86
CA LEU A 113 -13.04 -30.16 25.96
C LEU A 113 -14.00 -29.85 24.81
N GLU A 114 -14.44 -30.88 24.15
CA GLU A 114 -15.38 -30.68 23.06
C GLU A 114 -16.65 -30.03 23.58
N LYS A 115 -17.00 -30.25 24.84
CA LYS A 115 -18.20 -29.61 25.35
C LYS A 115 -17.99 -28.11 25.52
N TYR A 116 -16.79 -27.72 25.95
CA TYR A 116 -16.45 -26.30 25.94
C TYR A 116 -16.53 -25.72 24.54
N ARG A 117 -15.95 -26.45 23.54
CA ARG A 117 -15.91 -25.96 22.16
C ARG A 117 -17.31 -25.81 21.60
N VAL A 118 -18.13 -26.82 21.84
CA VAL A 118 -19.50 -26.78 21.30
C VAL A 118 -20.21 -25.55 21.89
N ALA A 119 -20.12 -25.37 23.24
CA ALA A 119 -20.79 -24.25 23.88
C ALA A 119 -20.22 -22.92 23.37
N CYS A 120 -18.91 -22.81 23.32
CA CYS A 120 -18.39 -21.57 22.77
C CYS A 120 -18.80 -21.37 21.32
N ASN A 121 -18.99 -22.45 20.58
CA ASN A 121 -19.40 -22.34 19.18
C ASN A 121 -20.82 -21.78 19.08
N ASN A 122 -21.74 -22.34 19.87
CA ASN A 122 -23.13 -21.86 19.84
C ASN A 122 -23.28 -20.40 20.25
N LYS A 123 -22.53 -19.99 21.27
CA LYS A 123 -22.66 -18.59 21.69
C LYS A 123 -22.04 -17.65 20.63
N LEU A 124 -20.93 -18.11 19.98
CA LEU A 124 -20.28 -17.31 18.92
C LEU A 124 -21.23 -17.15 17.76
N LYS A 125 -21.88 -18.21 17.36
CA LYS A 125 -22.85 -18.04 16.30
C LYS A 125 -24.02 -17.16 16.72
N GLU A 126 -24.51 -17.30 17.95
CA GLU A 126 -25.65 -16.47 18.35
C GLU A 126 -25.25 -15.01 18.34
N TYR A 127 -24.03 -14.76 18.78
CA TYR A 127 -23.54 -13.42 18.89
C TYR A 127 -23.54 -12.74 17.53
N VAL A 128 -23.01 -13.44 16.52
CA VAL A 128 -22.99 -12.89 15.16
C VAL A 128 -24.41 -12.67 14.68
N ASP A 129 -25.25 -13.64 14.94
CA ASP A 129 -26.63 -13.53 14.52
C ASP A 129 -27.30 -12.31 15.14
N ILE A 130 -27.02 -12.05 16.41
CA ILE A 130 -27.74 -10.95 17.04
C ILE A 130 -27.17 -9.60 16.62
N TYR A 131 -25.85 -9.47 16.49
CA TYR A 131 -25.20 -8.17 16.44
C TYR A 131 -24.59 -7.74 15.07
N TYR A 132 -24.26 -8.67 14.16
CA TYR A 132 -23.74 -8.34 12.82
C TYR A 132 -24.88 -7.99 11.87
N LYS A 133 -24.71 -6.92 11.15
CA LYS A 133 -25.50 -6.62 9.97
C LYS A 133 -25.93 -7.86 9.20
N LYS A 134 -27.19 -7.86 8.79
CA LYS A 134 -27.75 -8.71 7.75
C LYS A 134 -28.03 -7.84 6.50
N TRP A 135 -28.66 -8.45 5.49
CA TRP A 135 -28.79 -7.83 4.16
C TRP A 135 -29.34 -6.41 4.25
N SER A 136 -30.49 -6.23 4.90
CA SER A 136 -31.12 -4.92 4.99
C SER A 136 -30.26 -3.88 5.73
N ASP A 137 -29.27 -4.31 6.53
CA ASP A 137 -28.41 -3.36 7.24
C ASP A 137 -27.17 -2.90 6.47
N HIS A 138 -26.68 -3.66 5.47
CA HIS A 138 -25.63 -3.13 4.57
C HIS A 138 -26.20 -2.13 3.58
N GLN A 139 -27.52 -1.92 3.64
CA GLN A 139 -28.22 -0.99 2.77
C GLN A 139 -27.73 0.42 2.99
N THR A 140 -27.62 1.16 1.90
CA THR A 140 -27.30 2.58 1.90
C THR A 140 -28.60 3.38 2.06
N GLY A 141 -29.22 3.22 3.22
CA GLY A 141 -30.45 3.93 3.52
C GLY A 141 -30.68 3.96 5.01
N ASN A 142 -31.52 4.90 5.45
CA ASN A 142 -31.94 4.96 6.84
C ASN A 142 -32.64 3.68 7.27
N TYR A 143 -33.36 3.06 6.33
CA TYR A 143 -34.35 2.01 6.55
C TYR A 143 -34.15 0.94 5.49
N PRO A 144 -34.66 -0.28 5.74
CA PRO A 144 -34.48 -1.39 4.79
C PRO A 144 -35.43 -1.30 3.60
N THR A 145 -34.88 -1.05 2.44
CA THR A 145 -35.69 -0.96 1.22
C THR A 145 -35.21 -1.99 0.18
N VAL A 146 -35.77 -1.88 -1.02
CA VAL A 146 -35.36 -2.70 -2.15
C VAL A 146 -34.00 -2.26 -2.69
N ASN A 147 -33.16 -3.25 -3.03
CA ASN A 147 -31.92 -3.00 -3.77
C ASN A 147 -32.22 -2.94 -5.28
N ILE A 148 -31.72 -1.89 -5.93
CA ILE A 148 -32.12 -1.54 -7.30
C ILE A 148 -30.98 -1.82 -8.28
N GLY A 149 -31.28 -2.54 -9.35
CA GLY A 149 -30.29 -2.86 -10.37
C GLY A 149 -29.37 -3.99 -9.98
N SER A 150 -28.80 -4.62 -11.00
CA SER A 150 -27.88 -5.73 -10.73
C SER A 150 -26.64 -5.26 -9.98
N LYS A 151 -25.87 -4.37 -10.61
CA LYS A 151 -24.59 -3.93 -10.09
C LYS A 151 -24.69 -3.41 -8.66
N HIS A 152 -25.69 -2.57 -8.39
CA HIS A 152 -25.85 -2.00 -7.06
C HIS A 152 -25.92 -3.11 -6.01
N GLY A 153 -25.22 -2.90 -4.90
CA GLY A 153 -25.27 -3.80 -3.78
C GLY A 153 -23.93 -4.40 -3.44
N LEU A 154 -23.92 -5.03 -2.28
CA LEU A 154 -22.76 -5.68 -1.68
C LEU A 154 -23.00 -7.17 -1.60
N ASN A 155 -21.92 -7.92 -1.73
CA ASN A 155 -21.89 -9.33 -1.41
C ASN A 155 -21.01 -9.41 -0.18
N VAL A 156 -21.51 -10.06 0.86
CA VAL A 156 -20.77 -10.17 2.11
C VAL A 156 -20.65 -11.66 2.48
N LYS A 157 -19.42 -12.11 2.80
CA LYS A 157 -19.17 -13.51 3.20
C LYS A 157 -18.67 -13.52 4.64
N CYS A 158 -19.34 -14.29 5.50
N CYS A 158 -19.35 -14.33 5.49
CA CYS A 158 -19.07 -14.24 6.94
CA CYS A 158 -19.14 -14.32 6.94
C CYS A 158 -18.94 -15.68 7.46
C CYS A 158 -18.86 -15.75 7.37
N ALA A 159 -17.97 -15.89 8.33
CA ALA A 159 -17.75 -17.23 8.87
C ALA A 159 -17.21 -17.08 10.28
N SER A 160 -17.53 -18.08 11.10
CA SER A 160 -17.05 -18.14 12.47
C SER A 160 -16.84 -19.59 12.84
N SER A 161 -15.94 -19.84 13.80
CA SER A 161 -15.59 -21.22 14.09
C SER A 161 -14.98 -21.24 15.45
N VAL A 162 -15.04 -22.37 16.14
CA VAL A 162 -14.26 -22.50 17.37
C VAL A 162 -13.45 -23.80 17.30
N TYR A 163 -12.15 -23.70 17.65
CA TYR A 163 -11.21 -24.82 17.57
C TYR A 163 -10.67 -25.18 18.95
N ALA A 164 -10.49 -26.47 19.21
CA ALA A 164 -10.05 -26.89 20.54
C ALA A 164 -8.85 -27.81 20.48
N SER A 165 -7.89 -27.59 21.39
CA SER A 165 -6.74 -28.48 21.50
C SER A 165 -6.36 -28.56 22.98
N GLU A 166 -5.48 -29.50 23.28
CA GLU A 166 -5.22 -29.95 24.65
C GLU A 166 -3.71 -30.18 24.74
N CYS A 167 -3.01 -29.25 25.40
CA CYS A 167 -1.54 -29.24 25.49
C CYS A 167 -1.11 -29.57 26.93
N GLU A 168 -0.79 -30.84 27.20
CA GLU A 168 -0.27 -31.28 28.49
C GLU A 168 -1.32 -31.17 29.58
N ASN A 169 -2.56 -31.55 29.24
CA ASN A 169 -3.75 -31.47 30.08
C ASN A 169 -4.23 -30.02 30.26
N LYS A 170 -3.55 -29.02 29.69
CA LYS A 170 -4.07 -27.66 29.61
C LYS A 170 -4.87 -27.44 28.32
N TYR A 171 -6.06 -26.88 28.47
CA TYR A 171 -6.97 -26.79 27.34
C TYR A 171 -6.77 -25.50 26.58
N ASN A 172 -7.29 -25.45 25.35
CA ASN A 172 -7.10 -24.24 24.58
C ASN A 172 -8.27 -24.08 23.64
N LEU A 173 -8.79 -22.91 23.60
CA LEU A 173 -9.85 -22.64 22.65
C LEU A 173 -9.51 -21.39 21.86
N PHE A 174 -9.76 -21.49 20.57
CA PHE A 174 -9.47 -20.43 19.65
C PHE A 174 -10.77 -20.13 18.96
N LEU A 175 -11.25 -18.89 19.13
CA LEU A 175 -12.56 -18.45 18.65
C LEU A 175 -12.28 -17.42 17.59
N LEU A 176 -13.03 -17.50 16.51
CA LEU A 176 -12.69 -16.72 15.31
C LEU A 176 -13.91 -16.33 14.51
N ILE A 177 -13.95 -15.04 14.19
CA ILE A 177 -15.00 -14.48 13.33
C ILE A 177 -14.35 -13.84 12.08
N CYS A 178 -14.98 -14.09 10.94
CA CYS A 178 -14.48 -13.53 9.66
C CYS A 178 -15.58 -12.93 8.85
N CYS A 179 -15.35 -11.70 8.35
N CYS A 179 -15.30 -11.72 8.34
CA CYS A 179 -16.24 -11.15 7.33
CA CYS A 179 -16.17 -11.06 7.35
C CYS A 179 -15.40 -10.50 6.22
C CYS A 179 -15.34 -10.52 6.20
N ASP A 180 -15.85 -10.73 5.00
CA ASP A 180 -15.23 -10.25 3.77
C ASP A 180 -16.33 -9.62 2.94
N ARG A 181 -16.08 -8.40 2.48
CA ARG A 181 -17.05 -7.62 1.71
C ARG A 181 -16.53 -7.47 0.29
N TYR A 182 -17.44 -7.60 -0.68
CA TYR A 182 -17.14 -7.55 -2.09
C TYR A 182 -17.99 -6.49 -2.74
N TYR A 183 -17.34 -5.63 -3.52
CA TYR A 183 -18.04 -4.67 -4.35
C TYR A 183 -18.37 -5.29 -5.68
N LEU A 184 -19.48 -4.84 -6.24
CA LEU A 184 -19.96 -5.49 -7.46
C LEU A 184 -20.21 -6.91 -7.00
N LYS A 185 -19.44 -7.88 -7.49
CA LYS A 185 -19.59 -9.22 -6.93
C LYS A 185 -18.25 -9.84 -6.58
N ASN A 186 -17.18 -9.44 -7.28
CA ASN A 186 -15.89 -10.07 -7.06
C ASN A 186 -14.73 -9.13 -6.78
N PHE A 187 -14.95 -7.84 -6.61
CA PHE A 187 -13.89 -6.95 -6.19
C PHE A 187 -13.82 -6.99 -4.67
N HIS A 188 -12.72 -7.51 -4.11
CA HIS A 188 -12.65 -7.67 -2.66
C HIS A 188 -12.50 -6.32 -2.00
N ALA A 189 -13.45 -5.94 -1.16
CA ALA A 189 -13.41 -4.60 -0.58
C ALA A 189 -12.76 -4.51 0.78
N SER A 190 -13.03 -5.47 1.67
CA SER A 190 -12.52 -5.39 3.03
C SER A 190 -12.47 -6.79 3.63
N SER A 191 -11.61 -6.91 4.64
CA SER A 191 -11.70 -8.01 5.59
C SER A 191 -11.79 -7.56 7.05
N TRP A 192 -12.68 -8.21 7.78
CA TRP A 192 -12.77 -8.19 9.23
C TRP A 192 -12.43 -9.58 9.73
N ARG A 193 -11.44 -9.62 10.62
CA ARG A 193 -10.95 -10.83 11.26
C ARG A 193 -10.83 -10.58 12.78
N SER A 194 -11.57 -11.34 13.58
CA SER A 194 -11.60 -11.14 15.05
C SER A 194 -11.27 -12.47 15.73
N SER A 195 -10.15 -12.52 16.41
CA SER A 195 -9.67 -13.81 16.83
C SER A 195 -9.32 -13.80 18.31
N TRP A 196 -9.60 -14.93 18.97
CA TRP A 196 -9.64 -14.99 20.44
C TRP A 196 -9.09 -16.33 20.88
N ASN A 197 -8.16 -16.28 21.81
CA ASN A 197 -7.61 -17.49 22.42
C ASN A 197 -7.75 -17.50 23.95
N VAL A 198 -8.09 -18.65 24.49
CA VAL A 198 -7.99 -18.83 25.93
C VAL A 198 -7.31 -20.16 26.21
N ASN A 199 -6.34 -20.12 27.09
CA ASN A 199 -5.62 -21.34 27.48
C ASN A 199 -5.90 -21.52 28.98
N PHE A 200 -6.45 -22.67 29.36
CA PHE A 200 -7.08 -22.76 30.69
C PHE A 200 -7.20 -24.21 31.16
N LEU A 201 -7.33 -24.35 32.47
CA LEU A 201 -7.70 -25.62 33.09
C LEU A 201 -9.18 -25.65 33.44
N GLU A 202 -9.72 -26.86 33.53
CA GLU A 202 -11.10 -27.04 33.98
C GLU A 202 -11.36 -26.38 35.33
N ALA A 203 -10.39 -26.47 36.22
CA ALA A 203 -10.56 -26.01 37.58
C ALA A 203 -10.45 -24.50 37.69
N ASP A 204 -9.84 -23.84 36.73
CA ASP A 204 -9.65 -22.39 36.81
C ASP A 204 -10.95 -21.62 37.08
N GLN A 205 -10.89 -20.63 37.94
CA GLN A 205 -12.02 -19.68 38.08
C GLN A 205 -11.71 -18.36 37.41
N GLU A 206 -10.47 -18.16 37.01
CA GLU A 206 -10.08 -17.00 36.25
C GLU A 206 -9.30 -17.42 35.00
N ILE A 207 -9.68 -16.83 33.88
CA ILE A 207 -8.97 -17.12 32.64
C ILE A 207 -8.53 -15.80 32.05
N ILE A 208 -7.54 -15.92 31.18
CA ILE A 208 -7.03 -14.82 30.38
C ILE A 208 -7.55 -15.05 28.97
N LEU A 209 -8.23 -14.09 28.46
CA LEU A 209 -8.74 -14.09 27.10
C LEU A 209 -7.92 -13.00 26.36
N THR A 210 -7.14 -13.42 25.37
CA THR A 210 -6.35 -12.55 24.48
C THR A 210 -7.05 -12.51 23.14
N GLY A 211 -7.08 -11.35 22.51
CA GLY A 211 -7.75 -11.22 21.24
C GLY A 211 -7.03 -10.23 20.34
N THR A 212 -7.33 -10.36 19.05
CA THR A 212 -6.84 -9.44 18.02
C THR A 212 -7.95 -9.15 17.04
N ILE A 213 -8.18 -7.89 16.76
CA ILE A 213 -9.15 -7.49 15.76
C ILE A 213 -8.41 -6.76 14.63
N ASP A 214 -8.54 -7.29 13.41
CA ASP A 214 -7.85 -6.79 12.22
C ASP A 214 -8.89 -6.25 11.26
N VAL A 215 -8.74 -4.99 10.86
CA VAL A 215 -9.62 -4.37 9.87
C VAL A 215 -8.73 -3.94 8.69
N VAL A 216 -9.10 -4.33 7.47
CA VAL A 216 -8.27 -4.03 6.30
C VAL A 216 -9.17 -3.51 5.22
N LEU A 217 -8.91 -2.28 4.76
CA LEU A 217 -9.56 -1.75 3.57
C LEU A 217 -8.62 -2.10 2.41
N THR A 218 -9.20 -2.70 1.36
CA THR A 218 -8.46 -3.19 0.21
C THR A 218 -8.98 -2.68 -1.13
N TYR A 219 -10.12 -2.00 -1.17
CA TYR A 219 -10.59 -1.33 -2.36
C TYR A 219 -10.89 0.11 -1.95
N PHE A 220 -10.35 1.06 -2.73
CA PHE A 220 -10.48 2.47 -2.40
C PHE A 220 -10.23 3.28 -3.66
N GLU A 221 -11.30 3.89 -4.16
CA GLU A 221 -11.22 4.73 -5.34
C GLU A 221 -10.65 3.93 -6.50
N ASP A 222 -11.26 2.78 -6.70
CA ASP A 222 -11.01 1.80 -7.73
C ASP A 222 -9.61 1.22 -7.70
N ALA A 223 -8.86 1.43 -6.63
CA ALA A 223 -7.55 0.83 -6.52
C ALA A 223 -7.55 -0.29 -5.49
N ASN A 224 -6.72 -1.28 -5.75
CA ASN A 224 -6.41 -2.28 -4.75
C ASN A 224 -5.45 -1.65 -3.76
N ILE A 225 -5.86 -1.53 -2.50
CA ILE A 225 -4.92 -1.11 -1.48
C ILE A 225 -4.83 -2.13 -0.34
N ASN A 226 -4.29 -1.71 0.80
CA ASN A 226 -4.03 -2.65 1.89
C ASN A 226 -3.86 -1.82 3.16
N PHE A 227 -4.92 -1.10 3.53
CA PHE A 227 -4.91 -0.20 4.66
C PHE A 227 -5.40 -0.94 5.91
N LYS A 228 -4.50 -1.14 6.85
CA LYS A 228 -4.75 -2.04 7.96
C LYS A 228 -4.86 -1.32 9.29
N THR A 229 -5.87 -1.71 10.06
CA THR A 229 -5.96 -1.28 11.46
C THR A 229 -6.15 -2.48 12.37
N ARG A 230 -5.50 -2.38 13.53
CA ARG A 230 -5.37 -3.47 14.45
C ARG A 230 -5.58 -3.01 15.90
N LYS A 231 -6.36 -3.76 16.64
CA LYS A 231 -6.39 -3.62 18.07
C LYS A 231 -6.27 -5.00 18.72
N VAL A 232 -5.39 -5.09 19.69
CA VAL A 232 -5.08 -6.24 20.49
C VAL A 232 -5.68 -6.04 21.90
N PHE A 233 -6.22 -7.10 22.48
CA PHE A 233 -6.89 -7.12 23.79
C PHE A 233 -6.40 -8.28 24.66
N GLU A 234 -6.31 -8.03 25.98
CA GLU A 234 -5.94 -9.05 26.98
C GLU A 234 -6.76 -8.85 28.27
N LYS A 235 -7.77 -9.71 28.48
CA LYS A 235 -8.75 -9.52 29.56
C LYS A 235 -8.75 -10.68 30.54
N ARG A 236 -8.82 -10.36 31.82
CA ARG A 236 -9.09 -11.33 32.89
C ARG A 236 -10.60 -11.47 33.06
N VAL A 237 -11.07 -12.69 33.06
CA VAL A 237 -12.48 -13.00 33.11
C VAL A 237 -12.71 -14.00 34.27
N SER A 238 -13.77 -13.77 35.04
CA SER A 238 -14.16 -14.70 36.12
C SER A 238 -15.14 -15.75 35.60
N VAL A 239 -14.91 -17.02 35.91
CA VAL A 239 -15.69 -18.10 35.34
C VAL A 239 -15.87 -19.14 36.41
N THR A 240 -16.72 -20.10 36.10
CA THR A 240 -17.00 -21.26 36.96
C THR A 240 -16.86 -22.55 36.13
N ASN A 241 -17.15 -23.67 36.75
CA ASN A 241 -17.19 -24.93 36.04
C ASN A 241 -18.44 -25.11 35.20
N ASP A 242 -19.37 -24.15 35.16
CA ASP A 242 -20.53 -24.30 34.27
C ASP A 242 -20.10 -23.91 32.86
N ILE A 243 -20.23 -24.85 31.90
CA ILE A 243 -19.60 -24.74 30.59
C ILE A 243 -20.29 -23.67 29.76
N GLU A 244 -21.60 -23.65 29.80
CA GLU A 244 -22.32 -22.65 29.05
C GLU A 244 -22.07 -21.25 29.58
N ASN A 245 -22.03 -21.08 30.88
CA ASN A 245 -21.77 -19.75 31.43
C ASN A 245 -20.37 -19.29 31.06
N PHE A 246 -19.43 -20.23 31.03
CA PHE A 246 -18.06 -19.99 30.55
C PHE A 246 -18.06 -19.38 29.14
N ALA A 247 -18.85 -19.95 28.23
CA ALA A 247 -18.96 -19.48 26.86
C ALA A 247 -19.56 -18.09 26.81
N SER A 248 -20.62 -17.88 27.58
CA SER A 248 -21.28 -16.57 27.65
C SER A 248 -20.32 -15.50 28.15
N SER A 249 -19.47 -15.81 29.15
CA SER A 249 -18.56 -14.81 29.67
C SER A 249 -17.51 -14.40 28.63
N ILE A 250 -16.90 -15.39 27.97
CA ILE A 250 -15.98 -15.10 26.87
C ILE A 250 -16.68 -14.28 25.80
N LEU A 251 -17.87 -14.73 25.40
CA LEU A 251 -18.57 -13.98 24.39
C LEU A 251 -18.93 -12.56 24.85
N SER A 252 -19.10 -12.31 26.18
CA SER A 252 -19.45 -10.91 26.57
C SER A 252 -18.26 -9.98 26.39
N VAL A 253 -17.05 -10.47 26.66
CA VAL A 253 -15.83 -9.70 26.44
C VAL A 253 -15.57 -9.43 24.95
N ILE A 254 -15.78 -10.41 24.10
CA ILE A 254 -15.69 -10.21 22.66
C ILE A 254 -16.69 -9.15 22.23
N ARG A 255 -17.93 -9.23 22.76
CA ARG A 255 -18.94 -8.22 22.41
C ARG A 255 -18.44 -6.81 22.72
N GLU A 256 -17.80 -6.65 23.87
CA GLU A 256 -17.33 -5.33 24.29
C GLU A 256 -16.10 -4.89 23.52
N CYS A 257 -15.14 -5.79 23.34
CA CYS A 257 -13.95 -5.42 22.55
C CYS A 257 -14.32 -5.03 21.11
N GLU A 258 -15.33 -5.65 20.52
CA GLU A 258 -15.67 -5.28 19.15
C GLU A 258 -16.36 -3.93 19.15
N ASN A 259 -17.16 -3.69 20.18
CA ASN A 259 -17.73 -2.35 20.38
C ASN A 259 -16.64 -1.31 20.54
N ASP A 260 -15.55 -1.64 21.23
N ASP A 260 -15.60 -1.64 21.28
CA ASP A 260 -14.47 -0.66 21.45
CA ASP A 260 -14.47 -0.74 21.43
C ASP A 260 -13.77 -0.30 20.13
C ASP A 260 -13.95 -0.29 20.06
N VAL A 261 -13.64 -1.27 19.19
CA VAL A 261 -13.03 -0.95 17.88
C VAL A 261 -13.98 -0.07 17.08
N LEU A 262 -15.27 -0.39 17.12
CA LEU A 262 -16.27 0.44 16.46
C LEU A 262 -16.15 1.85 16.94
N TYR A 263 -15.98 2.01 18.23
CA TYR A 263 -15.85 3.35 18.76
C TYR A 263 -14.57 3.99 18.24
N ASP A 264 -13.47 3.23 18.25
CA ASP A 264 -12.20 3.76 17.76
C ASP A 264 -12.27 4.23 16.31
N LEU A 265 -12.88 3.45 15.46
CA LEU A 265 -12.91 3.73 14.03
C LEU A 265 -13.82 4.91 13.77
N ASN A 266 -14.94 4.95 14.50
CA ASN A 266 -15.85 6.09 14.44
C ASN A 266 -15.24 7.39 14.99
N HIS A 267 -14.10 7.35 15.71
CA HIS A 267 -13.46 8.60 16.15
C HIS A 267 -12.10 8.89 15.50
N LEU A 268 -11.79 8.26 14.38
CA LEU A 268 -10.62 8.64 13.62
C LEU A 268 -10.96 9.90 12.84
N ILE A 269 -9.99 10.81 12.73
CA ILE A 269 -10.15 11.97 11.85
C ILE A 269 -8.94 12.16 10.96
N ALA A 270 -9.13 12.97 9.92
CA ALA A 270 -8.02 13.33 9.05
C ALA A 270 -7.17 14.40 9.72
N ASN A 271 -5.85 14.18 9.79
CA ASN A 271 -4.96 15.19 10.35
C ASN A 271 -4.92 16.40 9.42
N THR A 272 -5.16 17.60 9.96
CA THR A 272 -5.03 18.84 9.17
C THR A 272 -3.80 19.65 9.60
N SER A 273 -2.80 19.00 10.21
CA SER A 273 -1.49 19.63 10.41
C SER A 273 -0.99 20.22 9.08
N SER A 274 0.04 21.07 9.12
CA SER A 274 0.55 21.72 7.92
C SER A 274 1.56 20.87 7.15
N ASP A 275 2.39 20.11 7.87
CA ASP A 275 3.44 19.27 7.31
C ASP A 275 2.92 17.99 6.70
N LEU A 276 1.65 17.96 6.28
CA LEU A 276 0.98 16.70 5.96
C LEU A 276 1.79 15.83 5.02
N ILE A 277 2.34 16.44 3.98
CA ILE A 277 3.08 15.71 2.95
C ILE A 277 4.18 14.90 3.60
N LYS A 278 4.95 15.52 4.49
CA LYS A 278 5.98 14.85 5.27
C LYS A 278 5.45 14.07 6.48
N ASN A 279 4.15 14.16 6.81
CA ASN A 279 3.60 13.62 8.06
C ASN A 279 3.29 12.12 7.96
N THR A 280 3.93 11.35 8.86
CA THR A 280 3.66 9.93 8.93
C THR A 280 2.22 9.63 9.30
N ARG A 281 1.55 10.52 10.03
CA ARG A 281 0.19 10.27 10.52
C ARG A 281 -0.75 11.23 9.81
N LYS A 282 -1.34 10.79 8.71
CA LYS A 282 -2.39 11.57 8.06
C LYS A 282 -3.75 11.25 8.62
N ILE A 283 -3.88 10.10 9.27
CA ILE A 283 -5.08 9.67 9.94
C ILE A 283 -4.75 9.55 11.40
N ILE A 284 -5.56 10.14 12.25
CA ILE A 284 -5.31 10.15 13.68
C ILE A 284 -6.62 10.08 14.48
N PRO A 285 -6.56 9.66 15.71
CA PRO A 285 -7.70 9.79 16.62
C PRO A 285 -7.66 11.13 17.37
N LEU A 286 -8.80 11.47 17.96
CA LEU A 286 -8.81 12.52 19.01
C LEU A 286 -8.55 11.96 20.42
N LEU B 4 8.34 -16.14 -26.67
CA LEU B 4 8.24 -16.50 -25.25
C LEU B 4 9.13 -15.53 -24.48
N LEU B 5 10.37 -15.44 -24.95
CA LEU B 5 11.30 -14.43 -24.49
C LEU B 5 10.75 -13.03 -24.76
N ASN B 6 9.84 -12.94 -25.74
CA ASN B 6 9.12 -11.69 -26.00
C ASN B 6 8.08 -11.41 -24.93
N GLU B 7 7.43 -12.45 -24.38
CA GLU B 7 6.43 -12.27 -23.34
C GLU B 7 7.07 -11.80 -22.03
N LYS B 8 8.33 -12.17 -21.81
CA LYS B 8 9.04 -11.73 -20.63
C LYS B 8 9.17 -10.21 -20.60
N LYS B 9 9.12 -9.55 -21.76
CA LYS B 9 9.30 -8.11 -21.78
C LYS B 9 8.04 -7.36 -21.35
N LYS B 10 6.88 -7.74 -21.86
CA LYS B 10 5.66 -7.00 -21.56
C LYS B 10 5.33 -6.99 -20.08
N PHE B 11 5.68 -8.05 -19.37
CA PHE B 11 5.35 -8.09 -17.95
C PHE B 11 6.33 -7.29 -17.12
N ILE B 12 7.58 -7.19 -17.55
CA ILE B 12 8.50 -6.30 -16.87
C ILE B 12 7.96 -4.88 -16.86
N ARG B 13 7.35 -4.46 -17.97
CA ARG B 13 6.74 -3.15 -17.99
C ARG B 13 5.57 -3.09 -17.00
N HIS B 14 4.72 -4.12 -17.01
CA HIS B 14 3.58 -4.09 -16.11
C HIS B 14 4.06 -4.06 -14.65
N VAL B 15 5.23 -4.65 -14.38
CA VAL B 15 5.79 -4.64 -13.02
C VAL B 15 6.03 -3.20 -12.60
N LEU B 16 6.51 -2.39 -13.51
CA LEU B 16 6.81 -1.00 -13.24
C LEU B 16 5.60 -0.10 -13.28
N SER B 17 4.54 -0.52 -13.96
CA SER B 17 3.41 0.36 -14.18
C SER B 17 2.85 0.90 -12.86
N ASN B 18 2.25 0.04 -12.03
CA ASN B 18 1.51 0.53 -10.88
C ASN B 18 2.31 0.56 -9.58
N ALA B 19 3.53 0.04 -9.56
CA ALA B 19 4.27 -0.06 -8.31
C ALA B 19 4.41 1.32 -7.68
N PRO B 20 4.28 1.42 -6.35
CA PRO B 20 4.51 2.72 -5.72
C PRO B 20 5.93 3.19 -5.89
N PRO B 21 6.16 4.50 -5.94
CA PRO B 21 7.48 5.04 -6.29
C PRO B 21 8.66 4.57 -5.45
N GLY B 22 8.49 4.45 -4.12
CA GLY B 22 9.63 4.13 -3.29
C GLY B 22 10.19 2.76 -3.54
N LYS B 23 9.41 1.90 -4.19
CA LYS B 23 9.75 0.51 -4.38
C LYS B 23 10.40 0.24 -5.73
N VAL B 24 10.39 1.23 -6.65
CA VAL B 24 10.77 1.00 -8.04
C VAL B 24 12.25 0.62 -8.14
N PHE B 25 13.09 1.34 -7.42
CA PHE B 25 14.52 1.09 -7.44
C PHE B 25 14.82 -0.37 -7.17
N ASP B 26 14.23 -0.92 -6.11
CA ASP B 26 14.54 -2.27 -5.69
C ASP B 26 14.29 -3.28 -6.80
N LEU B 27 13.11 -3.22 -7.43
CA LEU B 27 12.72 -4.29 -8.35
C LEU B 27 13.64 -4.37 -9.55
N ILE B 28 13.90 -3.22 -10.17
CA ILE B 28 14.74 -3.19 -11.36
C ILE B 28 16.12 -3.73 -11.05
N SER B 29 16.71 -3.29 -9.95
CA SER B 29 18.00 -3.82 -9.53
C SER B 29 18.07 -5.33 -9.71
N ASN B 30 17.02 -6.02 -9.26
CA ASN B 30 16.95 -7.47 -9.36
C ASN B 30 16.55 -7.96 -10.76
N LEU B 31 15.81 -7.16 -11.53
CA LEU B 31 15.32 -7.64 -12.83
C LEU B 31 16.46 -7.92 -13.81
N LYS B 32 17.51 -7.11 -13.79
CA LYS B 32 18.66 -7.43 -14.64
C LYS B 32 19.33 -8.71 -14.16
N THR B 33 19.59 -8.79 -12.85
CA THR B 33 20.17 -10.02 -12.30
C THR B 33 19.32 -11.22 -12.68
N ILE B 34 18.01 -11.04 -12.80
CA ILE B 34 17.13 -12.15 -13.19
C ILE B 34 17.39 -12.53 -14.64
N PHE B 35 17.43 -11.55 -15.53
CA PHE B 35 17.55 -11.79 -16.95
C PHE B 35 18.92 -11.45 -17.52
N GLY B 36 19.99 -11.71 -16.77
CA GLY B 36 21.28 -11.15 -17.14
C GLY B 36 21.86 -11.70 -18.44
N SER B 37 21.51 -12.94 -18.81
CA SER B 37 22.07 -13.48 -20.04
C SER B 37 21.34 -13.01 -21.30
N ASN B 38 20.16 -12.41 -21.17
CA ASN B 38 19.35 -12.04 -22.34
C ASN B 38 19.66 -10.59 -22.69
N ALA B 39 20.53 -10.40 -23.70
CA ALA B 39 20.92 -9.06 -24.14
C ALA B 39 19.78 -8.34 -24.85
N ILE B 40 18.81 -9.09 -25.36
CA ILE B 40 17.65 -8.51 -26.03
C ILE B 40 16.77 -7.76 -25.04
N ILE B 41 16.56 -8.34 -23.85
CA ILE B 41 15.78 -7.65 -22.84
C ILE B 41 16.64 -6.75 -21.96
N GLN B 42 17.96 -6.97 -21.92
CA GLN B 42 18.86 -6.02 -21.27
C GLN B 42 18.86 -4.66 -21.95
N ASN B 43 18.83 -4.64 -23.28
CA ASN B 43 18.76 -3.36 -23.98
C ASN B 43 17.38 -2.77 -23.86
N PHE B 44 16.37 -3.63 -23.87
CA PHE B 44 15.01 -3.21 -23.56
C PHE B 44 14.92 -2.54 -22.18
N ILE B 45 15.67 -3.06 -21.19
CA ILE B 45 15.64 -2.47 -19.84
C ILE B 45 16.36 -1.12 -19.82
N GLU B 46 17.58 -1.07 -20.39
CA GLU B 46 18.32 0.20 -20.41
C GLU B 46 17.47 1.27 -21.04
N ASP B 47 16.75 0.91 -22.09
CA ASP B 47 15.86 1.86 -22.74
C ASP B 47 14.76 2.32 -21.78
N ILE B 48 14.04 1.37 -21.17
CA ILE B 48 12.87 1.70 -20.34
C ILE B 48 13.23 2.53 -19.11
N ILE B 49 14.39 2.29 -18.52
CA ILE B 49 14.68 2.99 -17.28
C ILE B 49 15.13 4.41 -17.55
N SER B 50 15.90 4.61 -18.62
CA SER B 50 16.34 5.95 -18.99
C SER B 50 15.15 6.87 -19.24
N LYS B 51 14.09 6.33 -19.85
CA LYS B 51 12.91 7.13 -20.15
C LYS B 51 12.19 7.53 -18.86
N TYR B 52 11.82 6.53 -18.05
CA TYR B 52 11.27 6.76 -16.72
C TYR B 52 12.13 7.76 -15.94
N ASN B 53 13.45 7.54 -15.93
CA ASN B 53 14.30 8.41 -15.14
C ASN B 53 14.28 9.82 -15.69
N GLU B 54 14.30 9.95 -17.03
CA GLU B 54 14.18 11.26 -17.66
C GLU B 54 12.76 11.81 -17.50
N ASP B 55 11.74 10.95 -17.65
CA ASP B 55 10.37 11.44 -17.57
C ASP B 55 10.08 12.04 -16.21
N ASN B 56 10.82 11.59 -15.19
CA ASN B 56 10.46 11.84 -13.82
C ASN B 56 11.50 12.66 -13.06
N TYR B 57 12.45 13.28 -13.75
CA TYR B 57 13.41 14.14 -13.09
C TYR B 57 14.10 13.44 -11.93
N ILE B 58 14.64 12.25 -12.19
CA ILE B 58 15.37 11.57 -11.13
C ILE B 58 16.58 12.39 -10.72
N LEU B 59 16.84 12.45 -9.42
CA LEU B 59 18.06 13.06 -8.89
C LEU B 59 19.11 11.97 -8.71
N ILE B 60 20.26 12.17 -9.33
CA ILE B 60 21.43 11.27 -9.23
C ILE B 60 22.53 11.99 -8.50
N PRO B 61 22.94 11.56 -7.30
CA PRO B 61 23.96 12.29 -6.55
C PRO B 61 25.36 12.11 -7.09
N PHE B 62 26.12 13.21 -7.06
CA PHE B 62 27.49 13.29 -7.53
C PHE B 62 28.29 14.01 -6.45
N GLU B 63 29.38 13.39 -6.02
CA GLU B 63 30.18 13.92 -4.91
C GLU B 63 29.26 14.13 -3.72
N SER B 64 29.71 14.92 -2.76
CA SER B 64 28.86 15.37 -1.67
C SER B 64 28.26 16.71 -2.08
N ASP B 65 26.97 16.86 -1.85
CA ASP B 65 26.27 18.13 -1.95
C ASP B 65 25.94 18.53 -3.38
N GLU B 66 26.15 17.67 -4.37
CA GLU B 66 25.66 17.96 -5.71
C GLU B 66 24.66 16.89 -6.13
N TYR B 67 23.93 17.22 -7.20
CA TYR B 67 22.93 16.35 -7.81
C TYR B 67 22.92 16.59 -9.31
N ILE B 68 22.70 15.52 -10.07
CA ILE B 68 22.40 15.60 -11.48
C ILE B 68 20.90 15.39 -11.64
N ILE B 69 20.29 16.15 -12.53
CA ILE B 69 18.87 16.01 -12.81
C ILE B 69 18.73 15.36 -14.18
N ILE B 70 18.10 14.19 -14.19
CA ILE B 70 17.96 13.39 -15.39
C ILE B 70 16.60 13.74 -15.99
N CYS B 71 16.61 14.27 -17.20
CA CYS B 71 15.38 14.70 -17.83
C CYS B 71 15.69 15.08 -19.26
N LYS B 72 14.63 15.36 -20.02
CA LYS B 72 14.83 15.90 -21.37
C LYS B 72 15.72 17.13 -21.34
N GLU B 73 15.43 18.10 -20.45
CA GLU B 73 16.04 19.41 -20.54
C GLU B 73 17.55 19.39 -20.32
N SER B 74 18.07 18.46 -19.52
CA SER B 74 19.50 18.36 -19.27
C SER B 74 20.23 17.42 -20.22
N LYS B 75 19.48 16.69 -21.06
CA LYS B 75 20.08 15.68 -21.91
C LYS B 75 21.02 16.33 -22.91
N SER B 76 22.21 15.78 -23.08
CA SER B 76 23.16 16.19 -24.10
C SER B 76 23.78 14.93 -24.68
N GLY B 77 23.50 14.66 -25.95
CA GLY B 77 23.81 13.36 -26.51
C GLY B 77 23.03 12.36 -25.70
N ASN B 78 23.74 11.44 -25.04
CA ASN B 78 23.18 10.55 -24.04
C ASN B 78 23.66 10.91 -22.62
N LEU B 79 24.33 12.06 -22.47
CA LEU B 79 24.83 12.56 -21.20
C LEU B 79 23.91 13.67 -20.69
N TYR B 80 24.26 14.24 -19.53
CA TYR B 80 23.35 15.16 -18.86
C TYR B 80 24.10 16.36 -18.30
N LEU B 81 23.54 17.55 -18.52
CA LEU B 81 24.21 18.79 -18.15
C LEU B 81 23.90 19.22 -16.72
N HIS B 82 24.96 19.63 -16.01
CA HIS B 82 24.88 20.41 -14.78
C HIS B 82 25.36 21.84 -14.99
N PRO B 83 24.49 22.85 -15.03
CA PRO B 83 24.93 24.18 -15.48
C PRO B 83 25.82 24.93 -14.52
N ASN B 84 25.70 24.70 -13.22
CA ASN B 84 26.51 25.49 -12.30
C ASN B 84 27.98 25.11 -12.46
N LEU B 85 28.26 23.82 -12.43
CA LEU B 85 29.55 23.32 -12.88
C LEU B 85 29.47 23.29 -14.41
N LYS B 86 30.61 23.18 -15.06
CA LYS B 86 30.64 23.18 -16.53
C LYS B 86 31.04 21.79 -17.01
N ILE B 87 30.11 20.84 -16.75
CA ILE B 87 30.39 19.41 -16.77
C ILE B 87 29.20 18.67 -17.38
N LEU B 88 29.51 17.73 -18.26
CA LEU B 88 28.57 16.75 -18.80
C LEU B 88 28.87 15.39 -18.17
N ALA B 89 27.83 14.71 -17.69
CA ALA B 89 27.98 13.48 -16.91
C ALA B 89 27.47 12.26 -17.65
N ASN B 90 28.26 11.18 -17.62
CA ASN B 90 27.82 9.85 -18.03
C ASN B 90 27.32 9.10 -16.80
N VAL B 91 26.08 8.60 -16.87
CA VAL B 91 25.45 7.94 -15.72
C VAL B 91 24.99 6.55 -16.10
N ASN B 92 24.83 5.71 -15.07
CA ASN B 92 24.07 4.47 -15.19
C ASN B 92 22.68 4.72 -14.62
N HIS B 93 21.65 4.45 -15.42
CA HIS B 93 20.28 4.68 -14.98
C HIS B 93 19.80 3.62 -13.98
N LEU B 94 20.25 2.36 -14.12
CA LEU B 94 19.78 1.29 -13.25
C LEU B 94 20.21 1.52 -11.81
N LYS B 95 21.47 1.83 -11.62
CA LYS B 95 22.02 2.07 -10.30
C LYS B 95 21.82 3.51 -9.82
N ARG B 96 21.59 4.44 -10.73
CA ARG B 96 21.48 5.86 -10.42
C ARG B 96 22.78 6.42 -9.83
N LYS B 97 23.88 6.26 -10.57
CA LYS B 97 25.11 6.92 -10.15
C LYS B 97 25.88 7.39 -11.37
N VAL B 98 26.75 8.38 -11.14
CA VAL B 98 27.59 8.99 -12.16
C VAL B 98 28.86 8.17 -12.31
N ILE B 99 29.25 7.95 -13.56
CA ILE B 99 30.42 7.13 -13.89
C ILE B 99 31.51 7.90 -14.63
N ASP B 100 31.27 9.11 -15.12
CA ASP B 100 32.35 9.89 -15.75
C ASP B 100 31.86 11.32 -15.96
N THR B 101 32.83 12.25 -16.04
CA THR B 101 32.56 13.64 -16.30
C THR B 101 33.63 14.25 -17.21
N THR B 102 33.17 15.03 -18.19
CA THR B 102 34.01 15.74 -19.15
C THR B 102 33.39 17.11 -19.44
N PRO B 103 34.07 18.23 -19.14
CA PRO B 103 33.49 19.56 -19.36
C PRO B 103 33.36 19.96 -20.84
N HIS B 109 24.35 30.08 -25.72
CA HIS B 109 25.76 30.42 -25.60
C HIS B 109 26.11 31.89 -25.88
N PRO B 110 25.15 32.81 -25.67
CA PRO B 110 25.53 34.22 -25.52
C PRO B 110 26.20 34.46 -24.17
N ASP B 111 27.21 35.32 -24.16
CA ASP B 111 27.88 35.62 -22.89
C ASP B 111 26.92 36.23 -21.88
N ILE B 112 25.95 37.02 -22.35
CA ILE B 112 25.06 37.77 -21.45
C ILE B 112 24.00 36.85 -20.83
N LEU B 113 23.45 35.92 -21.62
CA LEU B 113 22.48 34.95 -21.13
C LEU B 113 22.99 34.24 -19.88
N GLU B 114 24.27 33.86 -19.89
CA GLU B 114 24.84 33.08 -18.79
C GLU B 114 24.70 33.81 -17.46
N LYS B 115 24.88 35.13 -17.43
CA LYS B 115 24.74 35.83 -16.16
C LYS B 115 23.27 36.08 -15.78
N TYR B 116 22.35 36.19 -16.74
CA TYR B 116 20.94 36.05 -16.37
C TYR B 116 20.66 34.65 -15.86
N ARG B 117 21.24 33.64 -16.51
CA ARG B 117 21.07 32.27 -16.04
C ARG B 117 21.61 32.15 -14.61
N VAL B 118 22.79 32.73 -14.36
CA VAL B 118 23.41 32.64 -13.04
C VAL B 118 22.55 33.32 -11.99
N ALA B 119 22.14 34.56 -12.24
CA ALA B 119 21.41 35.31 -11.22
C ALA B 119 20.14 34.55 -10.81
N CYS B 120 19.42 33.99 -11.78
CA CYS B 120 18.28 33.16 -11.43
C CYS B 120 18.71 31.97 -10.60
N ASN B 121 19.89 31.45 -10.87
CA ASN B 121 20.39 30.29 -10.16
C ASN B 121 20.64 30.60 -8.70
N ASN B 122 21.32 31.72 -8.44
CA ASN B 122 21.70 32.10 -7.08
C ASN B 122 20.50 32.41 -6.19
N LYS B 123 19.51 33.18 -6.69
CA LYS B 123 18.29 33.42 -5.91
C LYS B 123 17.42 32.17 -5.83
N LEU B 124 17.53 31.27 -6.81
CA LEU B 124 16.86 29.99 -6.74
C LEU B 124 17.38 29.18 -5.56
N LYS B 125 18.70 29.08 -5.44
CA LYS B 125 19.29 28.32 -4.34
C LYS B 125 18.97 28.95 -2.99
N GLU B 126 18.98 30.28 -2.92
CA GLU B 126 18.66 30.98 -1.66
C GLU B 126 17.23 30.68 -1.22
N TYR B 127 16.30 30.65 -2.17
CA TYR B 127 14.91 30.33 -1.85
C TYR B 127 14.76 28.90 -1.36
N VAL B 128 15.30 27.94 -2.11
CA VAL B 128 15.21 26.56 -1.69
C VAL B 128 15.92 26.38 -0.35
N ASP B 129 17.08 27.03 -0.19
CA ASP B 129 17.87 26.83 1.03
C ASP B 129 17.09 27.25 2.29
N ILE B 130 16.39 28.38 2.24
CA ILE B 130 15.71 28.85 3.43
C ILE B 130 14.45 28.05 3.71
N TYR B 131 13.71 27.69 2.66
CA TYR B 131 12.34 27.20 2.79
C TYR B 131 12.17 25.72 2.51
N TYR B 132 13.03 25.11 1.72
CA TYR B 132 12.98 23.66 1.62
C TYR B 132 13.79 23.02 2.75
N LYS B 133 15.00 23.52 3.00
CA LYS B 133 15.75 23.19 4.22
C LYS B 133 15.44 24.22 5.31
N VAL B 156 16.43 13.21 2.93
CA VAL B 156 15.77 14.10 1.98
C VAL B 156 16.75 14.59 0.87
N LYS B 157 16.28 14.51 -0.39
CA LYS B 157 17.04 14.92 -1.56
C LYS B 157 16.42 16.19 -2.12
N CYS B 158 17.26 17.19 -2.35
CA CYS B 158 16.78 18.50 -2.81
C CYS B 158 17.78 19.06 -3.82
N ALA B 159 17.36 19.18 -5.07
CA ALA B 159 18.20 19.76 -6.11
C ALA B 159 17.57 21.04 -6.65
N SER B 160 18.43 21.96 -7.05
CA SER B 160 17.97 23.15 -7.74
C SER B 160 19.00 23.56 -8.77
N SER B 161 18.53 24.03 -9.92
CA SER B 161 19.39 24.29 -11.05
C SER B 161 18.64 25.20 -12.01
N VAL B 162 19.40 25.97 -12.81
CA VAL B 162 18.85 26.79 -13.89
C VAL B 162 19.58 26.43 -15.18
N TYR B 163 18.82 26.18 -16.24
CA TYR B 163 19.35 25.77 -17.54
C TYR B 163 18.98 26.82 -18.57
N ALA B 164 19.91 27.11 -19.49
CA ALA B 164 19.71 28.19 -20.47
C ALA B 164 19.86 27.65 -21.89
N SER B 165 19.00 28.10 -22.77
CA SER B 165 19.02 27.67 -24.16
C SER B 165 18.76 28.87 -25.11
N LYS B 170 13.88 31.95 -29.77
CA LYS B 170 14.74 30.79 -29.98
C LYS B 170 15.61 30.51 -28.72
N TYR B 171 15.19 31.02 -27.54
CA TYR B 171 16.22 31.34 -26.57
C TYR B 171 16.00 31.40 -25.04
N ASN B 172 15.19 30.52 -24.45
CA ASN B 172 14.74 30.75 -23.07
C ASN B 172 15.58 30.14 -21.94
N LEU B 173 15.17 30.47 -20.70
CA LEU B 173 15.78 30.00 -19.46
C LEU B 173 14.82 29.09 -18.68
N PHE B 174 15.38 28.05 -18.05
CA PHE B 174 14.61 27.05 -17.31
C PHE B 174 15.07 26.91 -15.87
N LEU B 175 14.15 27.14 -14.94
CA LEU B 175 14.43 27.07 -13.51
C LEU B 175 13.76 25.83 -12.93
N LEU B 176 14.46 25.16 -12.02
CA LEU B 176 13.96 23.85 -11.60
C LEU B 176 14.32 23.52 -10.17
N ILE B 177 13.29 23.17 -9.39
CA ILE B 177 13.45 22.69 -8.01
C ILE B 177 12.88 21.29 -7.94
N CYS B 178 13.64 20.38 -7.32
CA CYS B 178 13.26 18.98 -7.15
C CYS B 178 13.48 18.64 -5.69
N CYS B 179 12.51 17.94 -5.10
CA CYS B 179 12.63 17.57 -3.70
C CYS B 179 11.92 16.25 -3.47
N ASP B 180 12.67 15.31 -2.93
CA ASP B 180 12.19 13.97 -2.60
C ASP B 180 12.28 13.79 -1.09
N ARG B 181 11.17 13.48 -0.46
CA ARG B 181 11.14 13.29 0.98
C ARG B 181 10.80 11.85 1.27
N TYR B 182 11.47 11.35 2.27
CA TYR B 182 11.24 10.00 2.75
C TYR B 182 10.83 10.11 4.20
N TYR B 183 9.84 9.30 4.57
CA TYR B 183 9.46 9.22 5.97
C TYR B 183 10.65 8.77 6.81
N LEU B 184 11.34 7.73 6.34
CA LEU B 184 12.47 7.13 7.01
C LEU B 184 13.03 6.12 6.02
N LYS B 185 14.32 5.81 6.18
CA LYS B 185 14.98 4.81 5.35
C LYS B 185 14.65 5.10 3.88
N ASN B 186 13.83 4.24 3.27
CA ASN B 186 13.52 4.36 1.85
C ASN B 186 12.02 4.46 1.61
N PHE B 187 11.26 4.84 2.61
CA PHE B 187 9.82 4.92 2.47
C PHE B 187 9.48 6.29 1.94
N HIS B 188 8.93 6.32 0.73
CA HIS B 188 8.69 7.57 0.03
C HIS B 188 7.52 8.32 0.66
N ALA B 189 7.75 9.59 1.04
CA ALA B 189 6.65 10.47 1.44
C ALA B 189 6.17 11.34 0.29
N SER B 190 7.09 12.04 -0.38
CA SER B 190 6.65 12.89 -1.48
C SER B 190 7.78 13.11 -2.48
N SER B 191 7.37 13.47 -3.70
CA SER B 191 8.26 14.03 -4.71
C SER B 191 7.64 15.31 -5.24
N TRP B 192 8.40 16.39 -5.16
CA TRP B 192 7.99 17.71 -5.62
C TRP B 192 8.85 18.08 -6.81
N ARG B 193 8.22 18.33 -7.96
CA ARG B 193 8.92 18.71 -9.19
C ARG B 193 8.29 19.99 -9.71
N SER B 194 9.09 21.06 -9.77
CA SER B 194 8.59 22.40 -10.03
C SER B 194 9.41 22.94 -11.19
N SER B 195 8.78 23.07 -12.36
CA SER B 195 9.51 23.29 -13.60
C SER B 195 8.98 24.57 -14.23
N TRP B 196 9.90 25.44 -14.62
CA TRP B 196 9.54 26.80 -15.00
C TRP B 196 10.39 27.20 -16.19
N ASN B 197 9.71 27.64 -17.23
CA ASN B 197 10.31 28.08 -18.48
C ASN B 197 9.78 29.48 -18.80
N VAL B 198 10.67 30.35 -19.29
CA VAL B 198 10.33 31.70 -19.75
C VAL B 198 11.03 31.99 -21.07
N ASN B 199 10.27 32.42 -22.09
CA ASN B 199 10.82 32.73 -23.41
C ASN B 199 10.59 34.19 -23.79
N PHE B 200 11.65 34.87 -24.25
CA PHE B 200 11.66 36.32 -24.34
C PHE B 200 11.62 36.83 -25.78
N LEU B 201 10.62 37.67 -26.06
CA LEU B 201 10.60 38.56 -27.21
C LEU B 201 10.84 39.99 -26.71
N GLU B 202 9.94 40.47 -25.85
CA GLU B 202 10.16 41.63 -24.98
C GLU B 202 11.34 41.28 -24.09
N ALA B 203 12.53 41.79 -24.40
CA ALA B 203 13.71 41.29 -23.72
C ALA B 203 13.90 41.84 -22.33
N ASP B 204 13.39 43.04 -22.01
CA ASP B 204 13.70 43.65 -20.73
C ASP B 204 12.53 44.22 -19.94
N GLN B 205 11.34 44.34 -20.51
CA GLN B 205 10.28 45.08 -19.84
C GLN B 205 9.14 44.25 -19.27
N GLU B 206 8.69 43.22 -19.97
CA GLU B 206 7.66 42.32 -19.47
C GLU B 206 8.01 40.91 -19.93
N ILE B 207 7.80 39.92 -19.05
CA ILE B 207 8.17 38.54 -19.34
C ILE B 207 6.99 37.59 -19.22
N ILE B 208 7.09 36.44 -19.92
CA ILE B 208 6.14 35.33 -19.84
C ILE B 208 6.81 34.19 -19.09
N LEU B 209 6.24 33.81 -17.94
CA LEU B 209 6.75 32.72 -17.11
C LEU B 209 5.70 31.62 -17.00
N THR B 210 5.98 30.46 -17.59
CA THR B 210 5.10 29.30 -17.48
C THR B 210 5.72 28.28 -16.53
N GLY B 211 4.89 27.64 -15.72
CA GLY B 211 5.39 26.66 -14.77
C GLY B 211 4.47 25.47 -14.69
N THR B 212 5.06 24.37 -14.22
CA THR B 212 4.35 23.12 -13.94
C THR B 212 4.89 22.58 -12.62
N ILE B 213 3.99 22.29 -11.69
CA ILE B 213 4.36 21.67 -10.41
C ILE B 213 3.73 20.29 -10.41
N ASP B 214 4.57 19.25 -10.33
CA ASP B 214 4.11 17.86 -10.30
C ASP B 214 4.46 17.30 -8.94
N VAL B 215 3.46 16.79 -8.24
CA VAL B 215 3.64 16.28 -6.90
C VAL B 215 3.09 14.86 -6.79
N VAL B 216 3.88 13.99 -6.19
CA VAL B 216 3.58 12.58 -6.00
C VAL B 216 3.69 12.36 -4.50
N LEU B 217 2.66 11.76 -3.92
CA LEU B 217 2.63 11.53 -2.50
C LEU B 217 2.14 10.12 -2.21
N THR B 218 2.79 9.47 -1.24
CA THR B 218 2.37 8.16 -0.78
C THR B 218 2.17 8.21 0.74
N TYR B 219 1.08 7.62 1.17
CA TYR B 219 0.80 7.52 2.59
C TYR B 219 1.74 6.56 3.29
N PHE B 220 2.22 6.99 4.44
CA PHE B 220 2.98 6.09 5.30
C PHE B 220 2.08 4.97 5.80
N GLU B 221 0.83 5.27 6.14
CA GLU B 221 -0.06 4.20 6.59
C GLU B 221 -0.19 3.07 5.58
N ASP B 222 -0.01 3.34 4.29
CA ASP B 222 -0.21 2.32 3.26
C ASP B 222 0.44 2.81 1.97
N ALA B 223 1.44 2.11 1.49
CA ALA B 223 2.13 2.63 0.32
C ALA B 223 1.33 2.40 -0.94
N ASN B 224 0.25 1.59 -0.89
CA ASN B 224 -0.63 1.46 -2.05
C ASN B 224 -1.55 2.65 -2.20
N ILE B 225 -1.53 3.58 -1.25
CA ILE B 225 -2.30 4.81 -1.31
C ILE B 225 -1.34 5.91 -1.71
N ASN B 226 -1.47 6.34 -2.97
CA ASN B 226 -0.52 7.26 -3.57
C ASN B 226 -1.19 7.90 -4.76
N PHE B 227 -0.76 9.10 -5.09
CA PHE B 227 -1.35 9.84 -6.21
C PHE B 227 -0.42 10.96 -6.64
N LYS B 228 -0.63 11.40 -7.89
CA LYS B 228 0.14 12.44 -8.55
C LYS B 228 -0.83 13.58 -8.86
N THR B 229 -0.41 14.80 -8.59
CA THR B 229 -1.18 15.96 -9.02
C THR B 229 -0.30 17.02 -9.68
N ARG B 230 -0.88 17.70 -10.70
CA ARG B 230 -0.15 18.63 -11.57
C ARG B 230 -0.90 19.94 -11.65
N LYS B 231 -0.20 21.02 -11.39
CA LYS B 231 -0.74 22.37 -11.43
C LYS B 231 0.07 23.19 -12.42
N VAL B 232 -0.63 23.92 -13.29
CA VAL B 232 -0.02 24.73 -14.33
C VAL B 232 -0.21 26.21 -14.00
N PHE B 233 0.80 27.00 -14.34
CA PHE B 233 0.75 28.44 -14.16
C PHE B 233 1.21 29.12 -15.45
N GLU B 234 0.61 30.28 -15.74
CA GLU B 234 1.00 31.12 -16.86
C GLU B 234 0.80 32.56 -16.39
N LYS B 235 1.87 33.19 -15.89
CA LYS B 235 1.82 34.50 -15.27
C LYS B 235 2.76 35.49 -15.96
N ARG B 236 2.30 36.72 -16.15
CA ARG B 236 3.14 37.81 -16.64
C ARG B 236 3.77 38.60 -15.50
N VAL B 237 5.06 38.91 -15.63
CA VAL B 237 5.83 39.55 -14.58
C VAL B 237 6.49 40.81 -15.10
N SER B 238 6.54 41.82 -14.23
CA SER B 238 7.21 43.07 -14.54
C SER B 238 8.65 43.04 -14.04
N VAL B 239 9.55 43.50 -14.90
CA VAL B 239 10.98 43.46 -14.68
C VAL B 239 11.57 44.74 -15.24
N THR B 240 12.84 44.94 -14.96
CA THR B 240 13.62 46.08 -15.42
C THR B 240 14.82 45.57 -16.20
N ASN B 241 15.65 46.50 -16.67
CA ASN B 241 16.91 46.09 -17.29
C ASN B 241 17.88 45.53 -16.26
N ASP B 242 17.47 45.52 -15.00
CA ASP B 242 18.28 45.06 -13.89
C ASP B 242 18.28 43.53 -13.84
N ILE B 243 19.48 42.95 -13.74
CA ILE B 243 19.65 41.51 -13.90
C ILE B 243 18.99 40.78 -12.73
N GLU B 244 19.34 41.21 -11.52
CA GLU B 244 18.89 40.53 -10.30
C GLU B 244 17.42 40.78 -10.03
N ASN B 245 16.90 41.98 -10.32
CA ASN B 245 15.46 42.17 -10.17
C ASN B 245 14.72 41.24 -11.13
N PHE B 246 15.31 40.99 -12.30
CA PHE B 246 14.74 39.97 -13.18
C PHE B 246 14.65 38.61 -12.44
N ALA B 247 15.71 38.23 -11.71
CA ALA B 247 15.69 36.98 -10.96
C ALA B 247 14.78 37.08 -9.74
N SER B 248 14.89 38.17 -8.97
CA SER B 248 14.11 38.33 -7.75
C SER B 248 12.61 38.38 -8.04
N SER B 249 12.22 39.01 -9.16
CA SER B 249 10.82 39.07 -9.53
C SER B 249 10.28 37.70 -9.91
N ILE B 250 11.05 36.93 -10.69
CA ILE B 250 10.67 35.56 -11.01
C ILE B 250 10.57 34.71 -9.74
N LEU B 251 11.58 34.80 -8.87
CA LEU B 251 11.56 34.05 -7.62
C LEU B 251 10.44 34.48 -6.68
N SER B 252 9.91 35.70 -6.81
CA SER B 252 8.76 36.10 -6.02
C SER B 252 7.50 35.41 -6.52
N VAL B 253 7.40 35.20 -7.84
CA VAL B 253 6.27 34.49 -8.42
C VAL B 253 6.29 33.01 -8.06
N ILE B 254 7.45 32.36 -8.14
CA ILE B 254 7.50 30.94 -7.81
C ILE B 254 7.07 30.70 -6.37
N ARG B 255 7.62 31.48 -5.42
CA ARG B 255 7.27 31.31 -4.02
C ARG B 255 5.77 31.35 -3.82
N GLU B 256 5.09 32.22 -4.55
CA GLU B 256 3.64 32.38 -4.41
C GLU B 256 2.89 31.27 -5.11
N CYS B 257 3.29 30.91 -6.35
CA CYS B 257 2.67 29.77 -7.01
C CYS B 257 2.85 28.48 -6.22
N GLU B 258 3.96 28.37 -5.51
CA GLU B 258 4.20 27.15 -4.76
C GLU B 258 3.38 27.11 -3.47
N ASN B 259 3.23 28.23 -2.77
CA ASN B 259 2.29 28.24 -1.66
C ASN B 259 0.87 27.98 -2.12
N ASP B 260 0.55 28.29 -3.38
CA ASP B 260 -0.79 28.02 -3.89
C ASP B 260 -1.02 26.52 -4.07
N VAL B 261 -0.17 25.86 -4.86
CA VAL B 261 -0.31 24.42 -5.05
C VAL B 261 -0.38 23.70 -3.71
N LEU B 262 0.46 24.13 -2.78
CA LEU B 262 0.48 23.52 -1.45
C LEU B 262 -0.89 23.56 -0.79
N TYR B 263 -1.58 24.70 -0.89
CA TYR B 263 -2.89 24.85 -0.27
C TYR B 263 -3.88 23.88 -0.88
N ASP B 264 -3.87 23.79 -2.21
CA ASP B 264 -4.70 22.80 -2.88
C ASP B 264 -4.38 21.41 -2.36
N LEU B 265 -3.09 21.12 -2.18
CA LEU B 265 -2.69 19.75 -1.87
C LEU B 265 -3.12 19.37 -0.47
N ASN B 266 -2.90 20.25 0.51
CA ASN B 266 -3.29 19.92 1.87
C ASN B 266 -4.79 19.77 2.03
N HIS B 267 -5.58 20.29 1.10
CA HIS B 267 -7.00 20.01 1.18
C HIS B 267 -7.36 18.76 0.41
N LEU B 268 -6.48 18.35 -0.50
CA LEU B 268 -6.66 17.06 -1.15
C LEU B 268 -6.25 15.90 -0.24
N ILE B 269 -5.19 16.06 0.53
CA ILE B 269 -4.80 15.01 1.43
C ILE B 269 -5.91 14.78 2.45
N ALA B 270 -6.34 15.86 3.09
CA ALA B 270 -7.32 15.74 4.15
C ALA B 270 -8.60 15.17 3.59
N ASN B 271 -8.93 15.51 2.36
CA ASN B 271 -10.11 14.95 1.76
C ASN B 271 -9.95 13.46 1.55
N THR B 272 -8.77 13.04 1.16
CA THR B 272 -8.58 11.62 0.90
C THR B 272 -8.56 10.84 2.18
N SER B 273 -7.76 11.31 3.14
CA SER B 273 -7.69 10.75 4.46
C SER B 273 -9.07 10.57 5.03
N SER B 274 -9.93 11.53 4.77
CA SER B 274 -11.26 11.50 5.32
C SER B 274 -12.11 10.46 4.61
N ASP B 275 -11.90 10.23 3.33
CA ASP B 275 -12.66 9.19 2.66
C ASP B 275 -12.16 7.82 3.05
N LEU B 276 -10.88 7.76 3.35
CA LEU B 276 -10.30 6.53 3.83
C LEU B 276 -10.98 6.13 5.14
N ILE B 277 -11.08 7.07 6.08
CA ILE B 277 -11.76 6.80 7.34
C ILE B 277 -13.20 6.40 7.08
N LYS B 278 -13.87 7.11 6.19
CA LYS B 278 -15.25 6.76 5.99
C LYS B 278 -15.39 5.38 5.39
N ASN B 279 -14.47 4.94 4.55
CA ASN B 279 -14.70 3.63 3.98
C ASN B 279 -14.25 2.58 4.98
N THR B 280 -13.28 2.90 5.80
CA THR B 280 -12.86 1.98 6.83
C THR B 280 -13.94 1.74 7.89
N ARG B 281 -14.78 2.74 8.20
CA ARG B 281 -15.80 2.54 9.23
C ARG B 281 -16.93 1.66 8.70
N LYS B 282 -17.13 1.67 7.35
CA LYS B 282 -18.09 0.76 6.73
C LYS B 282 -17.66 -0.70 6.85
N ILE B 283 -16.40 -0.97 7.19
CA ILE B 283 -16.01 -2.34 7.38
C ILE B 283 -16.57 -2.93 8.67
N ILE B 284 -16.92 -2.10 9.66
CA ILE B 284 -17.32 -2.66 10.96
C ILE B 284 -18.56 -3.51 10.67
N PRO B 285 -18.57 -4.80 11.00
CA PRO B 285 -19.76 -5.62 10.69
C PRO B 285 -20.89 -5.55 11.72
N LEU B 286 -20.70 -4.82 12.82
CA LEU B 286 -21.79 -4.61 13.79
C LEU B 286 -22.80 -3.59 13.32
N ASN B 287 -24.08 -3.86 13.51
CA ASN B 287 -25.07 -2.77 13.48
C ASN B 287 -24.69 -1.66 14.48
N ALA B 288 -25.04 -0.41 14.14
CA ALA B 288 -24.27 0.77 14.58
C ALA B 288 -24.81 1.45 15.86
N HIS B 289 -25.66 0.79 16.65
CA HIS B 289 -26.37 1.45 17.75
C HIS B 289 -27.20 2.60 17.18
BR BR C . -7.23 -5.10 26.88
BR BR D . -21.51 -17.14 11.91
BR BR E . -21.42 -27.56 32.82
BR BR F . -16.30 -35.62 3.83
BR BR G . -19.07 5.66 18.45
BR BR H . -16.80 -24.82 12.23
BR BR I . -19.14 -20.73 9.09
BR BR J . -20.15 -6.77 7.04
BR BR K . -24.72 -23.76 24.65
BR BR L . -12.78 -30.52 17.08
BR BR M . 0.23 -3.56 16.09
BR BR N . 14.03 -16.03 -1.00
BR BR O . -5.19 -1.30 -8.70
BR BR P . 12.14 -20.56 -15.22
BR BR Q . -16.70 -35.61 18.68
BR BR R . -16.62 -28.68 -2.19
BR BR S . -16.33 -22.51 40.31
BR BR T . -14.32 -6.67 29.29
BR BR U . -8.70 -2.12 25.55
BR BR V . -14.19 3.59 -2.69
BR BR W . -2.54 -24.47 -9.27
C1 GOL X . -28.36 -15.70 25.49
O1 GOL X . -29.16 -14.50 25.12
C2 GOL X . -27.08 -15.47 26.53
O2 GOL X . -25.94 -16.35 26.12
C3 GOL X . -26.59 -13.98 26.60
O3 GOL X . -25.67 -13.88 27.76
H11 GOL X . -27.99 -16.12 24.70
H12 GOL X . -28.93 -16.37 25.91
HO1 GOL X . -29.54 -14.67 24.37
H2 GOL X . -27.42 -15.70 27.41
HO2 GOL X . -25.25 -16.18 26.60
H31 GOL X . -27.35 -13.39 26.66
H32 GOL X . -26.15 -13.75 25.75
HO3 GOL X . -25.34 -13.09 27.75
BR BR Y . 7.55 3.40 -0.59
BR BR Z . 8.45 20.14 -0.40
BR BR AA . 2.76 -0.53 3.22
BR BR BA . 22.10 21.25 -6.41
N1 EPE CA . -6.30 8.78 -8.47
N1 EPE CA . -5.74 8.50 -9.15
C2 EPE CA . -7.07 7.99 -7.47
C2 EPE CA . -6.75 7.42 -8.94
C3 EPE CA . -6.76 6.50 -7.63
C3 EPE CA . -6.43 6.50 -7.76
N4 EPE CA . -5.33 6.25 -7.78
N4 EPE CA . -5.03 6.12 -7.71
C5 EPE CA . -4.43 7.38 -7.61
C5 EPE CA . -4.06 7.16 -8.02
C6 EPE CA . -4.84 8.58 -8.49
C6 EPE CA . -4.72 8.53 -8.10
C7 EPE CA . -4.86 4.90 -8.10
C7 EPE CA . -4.60 4.92 -7.01
C8 EPE CA . -3.38 4.64 -7.81
C8 EPE CA . -4.62 5.06 -5.48
O8 EPE CA . -3.10 3.28 -8.02
O8 EPE CA . -5.93 5.23 -5.00
C9 EPE CA . -6.74 10.17 -8.71
C9 EPE CA . -5.08 8.72 -10.46
C10 EPE CA . -6.42 11.08 -7.53
C10 EPE CA . -5.47 7.91 -11.68
S EPE CA . -7.79 11.29 -6.36
S EPE CA . -3.93 7.28 -12.39
O1S EPE CA . -7.23 11.38 -5.02
O1S EPE CA . -3.25 6.44 -11.40
O2S EPE CA . -8.53 12.51 -6.69
O2S EPE CA . -4.19 6.52 -13.61
O3S EPE CA . -8.67 10.15 -6.48
O3S EPE CA . -3.07 8.42 -12.74
H21 EPE CA . -8.14 8.17 -7.61
H21 EPE CA . -6.82 6.83 -9.85
H22 EPE CA . -6.81 8.32 -6.46
H22 EPE CA . -7.72 7.89 -8.78
H31 EPE CA . -7.13 5.96 -6.77
H31 EPE CA . -6.71 6.99 -6.83
H32 EPE CA . -7.28 6.13 -8.52
H32 EPE CA . -7.04 5.59 -7.84
H51 EPE CA . -3.42 7.08 -7.86
H51 EPE CA . -3.57 6.94 -8.98
H52 EPE CA . -4.44 7.69 -6.56
H52 EPE CA . -3.29 7.17 -7.24
H61 EPE CA . -4.33 9.48 -8.13
H61 EPE CA . -3.98 9.30 -8.32
H62 EPE CA . -4.52 8.41 -9.52
H62 EPE CA . -5.18 8.78 -7.14
H71 EPE CA . -5.03 4.71 -9.17
H71 EPE CA . -3.58 4.68 -7.32
H72 EPE CA . -5.45 4.18 -7.54
H72 EPE CA . -5.25 4.10 -7.30
H81 EPE CA . -3.15 4.91 -6.78
H81 EPE CA . -4.02 5.93 -5.18
H82 EPE CA . -2.76 5.25 -8.45
H82 EPE CA . -4.17 4.18 -5.03
HO8 EPE CA . -3.92 2.83 -8.29
HO8 EPE CA . -6.57 5.05 -5.72
H91 EPE CA . -6.25 10.56 -9.60
H91 EPE CA . -4.01 8.55 -10.30
H92 EPE CA . -7.82 10.18 -8.89
H92 EPE CA . -5.22 9.77 -10.72
H101 EPE CA . -6.14 12.06 -7.91
H101 EPE CA . -6.00 8.53 -12.40
H102 EPE CA . -5.57 10.68 -6.99
H102 EPE CA . -6.13 7.08 -11.41
#